data_9GVW
#
_entry.id   9GVW
#
_cell.length_a   61.887
_cell.length_b   69.818
_cell.length_c   116.789
_cell.angle_alpha   90
_cell.angle_beta   90
_cell.angle_gamma   90
#
_symmetry.space_group_name_H-M   'P 21 21 21'
#
loop_
_entity.id
_entity.type
_entity.pdbx_description
1 polymer 'Nicotinamide N-methyltransferase'
2 non-polymer 4-methoxy-2,3-dimethyl-pyridine
3 non-polymer S-ADENOSYL-L-HOMOCYSTEINE
4 water water
#
_entity_poly.entity_id   1
_entity_poly.type   'polypeptide(L)'
_entity_poly.pdbx_seq_one_letter_code
;HNHNHNHNHNHNAAAENLYFQSGFTSKDTYLSHFNPRDYLEKYYKFGSRHSAESQILKHLLKNLFKIFCLDGVKGDLLID
IGSGPTIYQLLSACESFKEIVVTDYSDQNLQELEKWLKAAPAAFDWSPVVTYVCDLEGNRVKGPEKEEKLRQAVKQVLKC
DVTQSQPLGAVPLPPADCVLSTLCLDAACPDLPTYCRALRNLGSLLKPGGFLVIMDALKSSYYMIGEQKFSSLPLGREAV
EAAVKEAGYTIEWFEVISQSYSSTMANNEGLFSLVARKL
;
_entity_poly.pdbx_strand_id   A,B
#
loop_
_chem_comp.id
_chem_comp.type
_chem_comp.name
_chem_comp.formula
A1IPO non-polymer 4-methoxy-2,3-dimethyl-pyridine 'C8 H11 N O'
SAH non-polymer S-ADENOSYL-L-HOMOCYSTEINE 'C14 H20 N6 O5 S'
#
# COMPACT_ATOMS: atom_id res chain seq x y z
N GLY A 23 -16.81 -27.95 -13.95
CA GLY A 23 -17.67 -26.78 -13.83
C GLY A 23 -16.96 -25.45 -13.98
N PHE A 24 -15.69 -25.44 -14.48
CA PHE A 24 -14.84 -24.23 -14.64
C PHE A 24 -14.52 -24.02 -16.12
N THR A 25 -14.39 -22.77 -16.58
CA THR A 25 -14.01 -22.42 -17.98
C THR A 25 -12.82 -23.25 -18.44
N SER A 26 -12.97 -23.90 -19.59
CA SER A 26 -11.83 -24.66 -20.14
C SER A 26 -10.75 -23.69 -20.66
N LYS A 27 -9.45 -24.05 -20.59
CA LYS A 27 -8.40 -23.13 -21.01
C LYS A 27 -8.54 -22.72 -22.48
N ASP A 28 -9.00 -23.63 -23.33
CA ASP A 28 -9.16 -23.34 -24.75
C ASP A 28 -10.17 -22.21 -25.00
N THR A 29 -11.08 -21.94 -24.03
CA THR A 29 -12.01 -20.84 -24.14
C THR A 29 -11.30 -19.51 -24.25
N TYR A 30 -10.12 -19.39 -23.59
CA TYR A 30 -9.36 -18.17 -23.67
C TYR A 30 -8.77 -17.92 -25.04
N LEU A 31 -8.51 -18.99 -25.84
CA LEU A 31 -7.95 -18.77 -27.16
C LEU A 31 -8.99 -18.19 -28.13
N SER A 32 -10.24 -18.56 -27.95
CA SER A 32 -11.32 -18.29 -28.86
C SER A 32 -12.34 -17.26 -28.45
N HIS A 33 -12.64 -17.18 -27.17
CA HIS A 33 -13.77 -16.40 -26.69
C HIS A 33 -13.45 -15.20 -25.82
N PHE A 34 -12.14 -15.02 -25.49
CA PHE A 34 -11.73 -13.85 -24.73
C PHE A 34 -11.40 -12.79 -25.77
N ASN A 35 -12.27 -11.79 -25.88
CA ASN A 35 -12.14 -10.76 -26.90
C ASN A 35 -11.27 -9.67 -26.36
N PRO A 36 -10.02 -9.54 -26.83
CA PRO A 36 -9.11 -8.56 -26.15
C PRO A 36 -9.57 -7.10 -26.18
N ARG A 37 -10.06 -6.64 -27.35
CA ARG A 37 -10.49 -5.25 -27.43
C ARG A 37 -11.71 -5.01 -26.55
N ASP A 38 -12.62 -5.99 -26.47
CA ASP A 38 -13.81 -5.82 -25.62
C ASP A 38 -13.39 -5.81 -24.13
N TYR A 39 -12.41 -6.65 -23.77
CA TYR A 39 -11.90 -6.62 -22.38
C TYR A 39 -11.35 -5.21 -22.05
N LEU A 40 -10.57 -4.63 -22.96
CA LEU A 40 -10.01 -3.31 -22.71
C LEU A 40 -11.09 -2.23 -22.63
N GLU A 41 -12.10 -2.33 -23.51
CA GLU A 41 -13.21 -1.39 -23.46
C GLU A 41 -13.97 -1.46 -22.15
N LYS A 42 -14.20 -2.69 -21.64
CA LYS A 42 -15.01 -2.87 -20.44
C LYS A 42 -14.29 -2.46 -19.15
N TYR A 43 -13.00 -2.78 -19.07
CA TYR A 43 -12.28 -2.56 -17.82
C TYR A 43 -11.23 -1.46 -17.78
N TYR A 44 -10.73 -1.02 -18.94
CA TYR A 44 -9.57 -0.13 -18.94
C TYR A 44 -9.73 1.16 -19.72
N LYS A 45 -10.95 1.56 -20.01
CA LYS A 45 -11.19 2.82 -20.76
C LYS A 45 -10.74 4.04 -19.99
N PHE A 46 -10.88 3.99 -18.65
CA PHE A 46 -10.40 5.04 -17.73
C PHE A 46 -10.97 6.41 -18.11
N GLY A 47 -12.28 6.45 -18.38
CA GLY A 47 -12.95 7.70 -18.74
C GLY A 47 -13.08 8.64 -17.56
N SER A 51 -15.91 5.31 -12.11
CA SER A 51 -16.50 3.95 -12.07
C SER A 51 -15.72 3.07 -11.11
N ALA A 52 -16.32 1.95 -10.69
CA ALA A 52 -15.62 0.95 -9.86
C ALA A 52 -14.38 0.44 -10.58
N GLU A 53 -14.48 0.18 -11.89
CA GLU A 53 -13.33 -0.29 -12.66
C GLU A 53 -12.18 0.69 -12.65
N SER A 54 -12.47 2.01 -12.79
CA SER A 54 -11.41 2.99 -12.79
C SER A 54 -10.84 3.18 -11.39
N GLN A 55 -11.67 3.05 -10.33
CA GLN A 55 -11.14 3.17 -8.96
C GLN A 55 -10.16 2.03 -8.68
N ILE A 56 -10.50 0.81 -9.13
CA ILE A 56 -9.58 -0.32 -8.92
C ILE A 56 -8.33 -0.12 -9.72
N LEU A 57 -8.44 0.33 -11.00
CA LEU A 57 -7.25 0.60 -11.82
C LEU A 57 -6.31 1.63 -11.12
N LYS A 58 -6.85 2.71 -10.59
CA LYS A 58 -6.03 3.70 -9.88
C LYS A 58 -5.30 3.07 -8.71
N HIS A 59 -6.02 2.20 -7.95
CA HIS A 59 -5.36 1.56 -6.81
C HIS A 59 -4.23 0.63 -7.23
N LEU A 60 -4.46 -0.18 -8.30
CA LEU A 60 -3.42 -1.05 -8.83
C LEU A 60 -2.19 -0.22 -9.25
N LEU A 61 -2.45 0.91 -9.95
CA LEU A 61 -1.31 1.77 -10.39
C LEU A 61 -0.51 2.36 -9.23
N LYS A 62 -1.20 2.76 -8.16
CA LYS A 62 -0.48 3.31 -6.99
C LYS A 62 0.41 2.21 -6.36
N ASN A 63 -0.13 0.95 -6.27
CA ASN A 63 0.68 -0.13 -5.69
C ASN A 63 1.85 -0.48 -6.57
N LEU A 64 1.65 -0.51 -7.89
CA LEU A 64 2.75 -0.84 -8.80
C LEU A 64 3.85 0.21 -8.71
N PHE A 65 3.47 1.48 -8.59
CA PHE A 65 4.42 2.57 -8.42
C PHE A 65 5.20 2.39 -7.12
N LYS A 66 4.52 2.08 -6.04
CA LYS A 66 5.20 1.85 -4.77
C LYS A 66 6.23 0.70 -4.89
N ILE A 67 5.81 -0.42 -5.48
CA ILE A 67 6.70 -1.57 -5.59
C ILE A 67 7.92 -1.33 -6.44
N PHE A 68 7.73 -0.80 -7.67
CA PHE A 68 8.87 -0.71 -8.62
C PHE A 68 9.68 0.53 -8.49
N CYS A 69 9.06 1.63 -8.04
CA CYS A 69 9.81 2.86 -7.94
C CYS A 69 10.25 3.22 -6.52
N LEU A 70 9.45 2.86 -5.50
CA LEU A 70 9.82 3.24 -4.14
C LEU A 70 10.52 2.14 -3.40
N ASP A 71 10.00 0.93 -3.54
CA ASP A 71 10.59 -0.23 -2.89
C ASP A 71 11.77 -0.65 -3.83
N GLY A 72 12.61 -1.55 -3.38
CA GLY A 72 13.76 -1.97 -4.20
C GLY A 72 13.52 -3.00 -5.30
N VAL A 73 12.27 -3.11 -5.83
CA VAL A 73 12.03 -4.14 -6.83
C VAL A 73 12.55 -3.69 -8.18
N LYS A 74 13.73 -4.20 -8.54
CA LYS A 74 14.42 -3.81 -9.73
C LYS A 74 15.27 -4.98 -10.26
N GLY A 75 15.82 -4.79 -11.45
CA GLY A 75 16.68 -5.81 -12.00
C GLY A 75 16.83 -5.81 -13.48
N ASP A 76 17.43 -6.88 -13.97
CA ASP A 76 17.65 -7.04 -15.38
C ASP A 76 16.42 -7.59 -16.07
N LEU A 77 15.61 -8.44 -15.37
CA LEU A 77 14.49 -9.07 -16.03
C LEU A 77 13.28 -9.22 -15.12
N LEU A 78 12.12 -8.79 -15.65
CA LEU A 78 10.82 -9.02 -15.02
C LEU A 78 10.02 -9.78 -16.05
N ILE A 79 9.33 -10.84 -15.57
CA ILE A 79 8.42 -11.58 -16.42
C ILE A 79 7.00 -11.25 -15.90
N ASP A 80 6.12 -10.78 -16.81
CA ASP A 80 4.72 -10.51 -16.49
C ASP A 80 3.93 -11.69 -16.99
N ILE A 81 3.20 -12.34 -16.12
CA ILE A 81 2.48 -13.59 -16.37
C ILE A 81 1.02 -13.35 -16.52
N GLY A 82 0.46 -13.78 -17.65
CA GLY A 82 -0.97 -13.56 -17.88
C GLY A 82 -1.29 -12.11 -18.12
N SER A 83 -0.44 -11.42 -18.91
CA SER A 83 -0.56 -10.01 -19.23
C SER A 83 -1.87 -9.68 -19.94
N GLY A 84 -2.46 -10.65 -20.63
CA GLY A 84 -3.64 -10.36 -21.45
C GLY A 84 -3.22 -9.31 -22.50
N PRO A 85 -4.17 -8.44 -22.82
CA PRO A 85 -3.86 -7.36 -23.76
C PRO A 85 -3.50 -6.06 -23.05
N THR A 86 -3.13 -6.11 -21.74
CA THR A 86 -2.91 -4.87 -21.02
C THR A 86 -1.44 -4.52 -20.83
N ILE A 87 -1.19 -3.21 -20.71
CA ILE A 87 0.16 -2.74 -20.40
C ILE A 87 0.21 -1.88 -19.14
N TYR A 88 -0.96 -1.57 -18.50
CA TYR A 88 -0.95 -0.70 -17.32
C TYR A 88 -0.02 -1.21 -16.22
N GLN A 89 0.06 -2.54 -16.09
CA GLN A 89 0.83 -3.14 -15.01
C GLN A 89 2.34 -3.07 -15.24
N LEU A 90 2.79 -2.52 -16.37
CA LEU A 90 4.22 -2.42 -16.74
C LEU A 90 4.75 -1.01 -16.74
N LEU A 91 3.89 -0.01 -16.57
CA LEU A 91 4.32 1.37 -16.73
C LEU A 91 5.31 1.84 -15.67
N SER A 92 5.16 1.45 -14.42
CA SER A 92 6.19 1.78 -13.45
C SER A 92 7.35 0.79 -13.54
N ALA A 93 7.07 -0.48 -13.83
CA ALA A 93 8.11 -1.49 -13.92
C ALA A 93 9.19 -1.16 -14.95
N CYS A 94 8.83 -0.50 -16.08
CA CYS A 94 9.84 -0.23 -17.10
C CYS A 94 10.92 0.78 -16.62
N GLU A 95 10.67 1.47 -15.50
CA GLU A 95 11.70 2.35 -14.95
C GLU A 95 12.77 1.55 -14.19
N SER A 96 12.44 0.31 -13.75
CA SER A 96 13.31 -0.47 -12.88
C SER A 96 13.85 -1.73 -13.45
N PHE A 97 13.38 -2.14 -14.62
CA PHE A 97 13.86 -3.36 -15.24
C PHE A 97 14.39 -3.09 -16.65
N LYS A 98 15.58 -3.62 -16.97
CA LYS A 98 16.15 -3.45 -18.30
C LYS A 98 15.29 -4.16 -19.34
N GLU A 99 14.76 -5.35 -19.01
CA GLU A 99 13.94 -6.10 -19.95
C GLU A 99 12.70 -6.57 -19.22
N ILE A 100 11.58 -6.51 -19.92
CA ILE A 100 10.30 -7.04 -19.44
C ILE A 100 9.81 -8.02 -20.51
N VAL A 101 9.44 -9.24 -20.09
CA VAL A 101 8.91 -10.26 -20.99
C VAL A 101 7.42 -10.28 -20.65
N VAL A 102 6.57 -10.17 -21.67
CA VAL A 102 5.13 -10.23 -21.47
C VAL A 102 4.64 -11.55 -21.99
N THR A 103 3.71 -12.15 -21.27
CA THR A 103 3.26 -13.50 -21.62
C THR A 103 1.78 -13.67 -21.40
N ASP A 104 1.19 -14.63 -22.11
CA ASP A 104 -0.23 -14.91 -21.93
C ASP A 104 -0.57 -16.23 -22.57
N TYR A 105 -1.65 -16.87 -22.14
CA TYR A 105 -2.11 -18.08 -22.80
C TYR A 105 -2.71 -17.77 -24.17
N SER A 106 -3.35 -16.62 -24.33
CA SER A 106 -4.07 -16.30 -25.56
C SER A 106 -3.20 -15.60 -26.59
N ASP A 107 -3.10 -16.20 -27.80
CA ASP A 107 -2.37 -15.55 -28.88
C ASP A 107 -3.12 -14.30 -29.33
N GLN A 108 -4.48 -14.26 -29.27
CA GLN A 108 -5.21 -13.03 -29.64
C GLN A 108 -4.83 -11.87 -28.70
N ASN A 109 -4.66 -12.18 -27.40
CA ASN A 109 -4.25 -11.14 -26.46
C ASN A 109 -2.85 -10.63 -26.78
N LEU A 110 -1.92 -11.54 -27.07
CA LEU A 110 -0.55 -11.13 -27.40
C LEU A 110 -0.53 -10.27 -28.67
N GLN A 111 -1.39 -10.59 -29.64
CA GLN A 111 -1.45 -9.77 -30.87
C GLN A 111 -1.96 -8.36 -30.57
N GLU A 112 -2.94 -8.24 -29.65
CA GLU A 112 -3.44 -6.93 -29.24
C GLU A 112 -2.33 -6.12 -28.51
N LEU A 113 -1.52 -6.79 -27.66
CA LEU A 113 -0.36 -6.18 -27.01
C LEU A 113 0.60 -5.68 -28.05
N GLU A 114 0.90 -6.54 -29.03
CA GLU A 114 1.86 -6.20 -30.06
C GLU A 114 1.41 -5.03 -30.89
N LYS A 115 0.10 -4.84 -31.11
CA LYS A 115 -0.39 -3.65 -31.84
C LYS A 115 0.02 -2.38 -31.08
N TRP A 116 -0.05 -2.41 -29.72
CA TRP A 116 0.35 -1.26 -28.95
C TRP A 116 1.85 -1.09 -28.94
N LEU A 117 2.60 -2.19 -28.78
CA LEU A 117 4.05 -2.12 -28.75
C LEU A 117 4.62 -1.56 -30.05
N LYS A 118 4.00 -1.93 -31.18
CA LYS A 118 4.43 -1.42 -32.49
C LYS A 118 3.82 -0.07 -32.85
N ALA A 119 3.05 0.55 -31.94
CA ALA A 119 2.38 1.84 -32.11
C ALA A 119 1.51 1.90 -33.37
N ALA A 120 0.76 0.83 -33.59
CA ALA A 120 -0.15 0.74 -34.72
C ALA A 120 -1.36 1.64 -34.46
N PRO A 121 -1.87 2.35 -35.48
CA PRO A 121 -3.06 3.19 -35.28
C PRO A 121 -4.27 2.48 -34.66
N ALA A 122 -4.44 1.17 -34.89
CA ALA A 122 -5.55 0.40 -34.32
C ALA A 122 -5.30 -0.04 -32.85
N ALA A 123 -4.16 0.29 -32.28
CA ALA A 123 -3.83 -0.07 -30.91
C ALA A 123 -4.77 0.63 -29.94
N PHE A 124 -4.94 0.07 -28.74
CA PHE A 124 -5.77 0.69 -27.73
C PHE A 124 -5.14 2.01 -27.25
N ASP A 125 -5.97 2.96 -26.85
CA ASP A 125 -5.49 4.23 -26.35
C ASP A 125 -5.26 4.15 -24.85
N TRP A 126 -4.01 3.96 -24.44
CA TRP A 126 -3.65 3.93 -23.02
C TRP A 126 -3.25 5.32 -22.49
N SER A 127 -3.32 6.40 -23.31
CA SER A 127 -2.82 7.71 -22.87
C SER A 127 -3.38 8.24 -21.54
N PRO A 128 -4.68 8.06 -21.16
CA PRO A 128 -5.13 8.56 -19.84
C PRO A 128 -4.43 7.82 -18.69
N VAL A 129 -4.15 6.52 -18.88
CA VAL A 129 -3.49 5.72 -17.86
C VAL A 129 -2.02 6.11 -17.79
N VAL A 130 -1.36 6.28 -18.97
CA VAL A 130 0.05 6.68 -18.99
C VAL A 130 0.25 8.05 -18.29
N THR A 131 -0.66 8.98 -18.54
CA THR A 131 -0.62 10.31 -17.92
C THR A 131 -0.75 10.18 -16.41
N TYR A 132 -1.66 9.30 -15.93
CA TYR A 132 -1.87 9.08 -14.50
C TYR A 132 -0.58 8.54 -13.84
N VAL A 133 0.12 7.59 -14.49
CA VAL A 133 1.39 7.08 -13.95
C VAL A 133 2.47 8.17 -13.96
N CYS A 134 2.54 8.98 -15.03
CA CYS A 134 3.52 10.08 -15.07
C CYS A 134 3.31 11.05 -13.90
N ASP A 135 2.04 11.33 -13.58
CA ASP A 135 1.67 12.16 -12.44
C ASP A 135 2.12 11.54 -11.10
N LEU A 136 1.84 10.23 -10.91
CA LEU A 136 2.23 9.54 -9.67
C LEU A 136 3.73 9.61 -9.43
N GLU A 137 4.51 9.42 -10.52
CA GLU A 137 5.96 9.36 -10.50
C GLU A 137 6.66 10.72 -10.36
N GLY A 138 5.90 11.79 -10.25
CA GLY A 138 6.46 13.12 -9.99
C GLY A 138 6.54 14.05 -11.17
N ASN A 139 5.91 13.69 -12.28
CA ASN A 139 5.96 14.47 -13.52
C ASN A 139 7.39 14.69 -13.98
N ARG A 140 8.26 13.69 -13.75
CA ARG A 140 9.65 13.74 -14.21
C ARG A 140 9.67 13.65 -15.73
N VAL A 141 8.73 12.88 -16.33
CA VAL A 141 8.61 12.71 -17.78
C VAL A 141 7.15 12.90 -18.23
N LYS A 142 6.96 13.12 -19.53
CA LYS A 142 5.63 13.23 -20.12
C LYS A 142 5.28 11.89 -20.79
N GLY A 143 4.03 11.76 -21.20
CA GLY A 143 3.48 10.53 -21.78
C GLY A 143 4.33 9.86 -22.86
N PRO A 144 4.71 10.57 -23.94
CA PRO A 144 5.47 9.91 -25.01
C PRO A 144 6.79 9.29 -24.57
N GLU A 145 7.53 9.94 -23.66
CA GLU A 145 8.79 9.41 -23.16
C GLU A 145 8.53 8.13 -22.34
N LYS A 146 7.49 8.15 -21.50
CA LYS A 146 7.12 6.97 -20.72
C LYS A 146 6.78 5.77 -21.64
N GLU A 147 5.94 5.99 -22.63
CA GLU A 147 5.57 4.93 -23.57
C GLU A 147 6.75 4.39 -24.32
N GLU A 148 7.69 5.29 -24.74
CA GLU A 148 8.87 4.82 -25.47
C GLU A 148 9.74 3.96 -24.56
N LYS A 149 9.87 4.33 -23.29
CA LYS A 149 10.64 3.54 -22.34
C LYS A 149 10.05 2.11 -22.18
N LEU A 150 8.72 2.02 -22.14
CA LEU A 150 8.09 0.70 -22.05
C LEU A 150 8.29 -0.09 -23.33
N ARG A 151 8.12 0.53 -24.49
CA ARG A 151 8.30 -0.16 -25.77
C ARG A 151 9.72 -0.69 -25.89
N GLN A 152 10.73 0.09 -25.42
CA GLN A 152 12.11 -0.39 -25.48
C GLN A 152 12.40 -1.52 -24.51
N ALA A 153 11.64 -1.60 -23.40
CA ALA A 153 11.87 -2.64 -22.41
C ALA A 153 11.34 -3.99 -22.80
N VAL A 154 10.26 -4.02 -23.60
CA VAL A 154 9.65 -5.29 -23.99
C VAL A 154 10.29 -5.87 -25.23
N LYS A 155 11.06 -6.99 -25.12
CA LYS A 155 11.69 -7.62 -26.29
C LYS A 155 11.05 -8.94 -26.69
N GLN A 156 10.36 -9.61 -25.74
CA GLN A 156 9.76 -10.89 -26.03
C GLN A 156 8.31 -10.92 -25.57
N VAL A 157 7.45 -11.47 -26.40
CA VAL A 157 6.02 -11.60 -26.19
C VAL A 157 5.76 -13.08 -26.39
N LEU A 158 5.50 -13.83 -25.30
CA LEU A 158 5.50 -15.27 -25.30
C LEU A 158 4.24 -15.91 -24.82
N LYS A 159 3.99 -17.11 -25.28
CA LYS A 159 2.95 -17.97 -24.81
C LYS A 159 3.31 -18.50 -23.42
N CYS A 160 2.33 -18.54 -22.53
N CYS A 160 2.31 -18.54 -22.55
CA CYS A 160 2.52 -19.14 -21.23
CA CYS A 160 2.48 -19.01 -21.19
C CYS A 160 1.31 -19.91 -20.79
C CYS A 160 1.28 -19.84 -20.74
N ASP A 161 1.51 -20.89 -19.91
CA ASP A 161 0.43 -21.62 -19.30
C ASP A 161 0.86 -21.84 -17.85
N VAL A 162 0.27 -21.11 -16.92
CA VAL A 162 0.68 -21.18 -15.50
C VAL A 162 0.45 -22.54 -14.88
N THR A 163 -0.43 -23.37 -15.48
CA THR A 163 -0.72 -24.67 -14.86
C THR A 163 0.34 -25.72 -15.18
N GLN A 164 1.33 -25.39 -16.02
CA GLN A 164 2.35 -26.38 -16.40
C GLN A 164 3.60 -26.14 -15.62
N SER A 165 4.32 -27.25 -15.35
CA SER A 165 5.59 -27.21 -14.62
C SER A 165 6.59 -26.27 -15.30
N GLN A 166 6.55 -26.20 -16.62
CA GLN A 166 7.35 -25.26 -17.38
C GLN A 166 6.31 -24.30 -18.02
N PRO A 167 5.98 -23.15 -17.40
CA PRO A 167 4.92 -22.29 -17.96
C PRO A 167 5.23 -21.73 -19.33
N LEU A 168 6.49 -21.55 -19.67
CA LEU A 168 6.88 -21.02 -20.96
C LEU A 168 7.21 -22.10 -21.97
N GLY A 169 6.88 -23.35 -21.65
CA GLY A 169 7.09 -24.50 -22.53
C GLY A 169 8.54 -24.71 -22.91
N ALA A 170 8.82 -24.80 -24.22
CA ALA A 170 10.17 -25.02 -24.68
C ALA A 170 11.04 -23.76 -24.71
N VAL A 171 10.46 -22.56 -24.42
CA VAL A 171 11.24 -21.34 -24.52
C VAL A 171 12.09 -21.12 -23.29
N PRO A 172 13.41 -20.98 -23.47
CA PRO A 172 14.26 -20.74 -22.31
C PRO A 172 14.40 -19.26 -22.00
N LEU A 173 14.48 -18.94 -20.73
CA LEU A 173 14.74 -17.58 -20.28
C LEU A 173 15.69 -17.65 -19.12
N PRO A 174 16.49 -16.59 -18.87
CA PRO A 174 17.30 -16.54 -17.65
C PRO A 174 16.36 -16.49 -16.44
N PRO A 175 16.79 -16.93 -15.26
CA PRO A 175 15.95 -16.75 -14.06
C PRO A 175 15.66 -15.26 -13.87
N ALA A 176 14.39 -14.91 -13.64
CA ALA A 176 14.01 -13.51 -13.53
C ALA A 176 14.29 -12.94 -12.15
N ASP A 177 14.45 -11.64 -12.11
CA ASP A 177 14.56 -10.93 -10.86
C ASP A 177 13.18 -10.74 -10.18
N CYS A 178 12.09 -10.68 -11.01
CA CYS A 178 10.75 -10.49 -10.51
C CYS A 178 9.79 -11.19 -11.46
N VAL A 179 8.76 -11.79 -10.88
CA VAL A 179 7.63 -12.34 -11.64
C VAL A 179 6.41 -11.55 -11.13
N LEU A 180 5.67 -10.97 -12.06
CA LEU A 180 4.47 -10.17 -11.77
C LEU A 180 3.28 -10.86 -12.38
N SER A 181 2.15 -10.86 -11.66
CA SER A 181 0.93 -11.38 -12.29
C SER A 181 -0.26 -10.64 -11.77
N THR A 182 -1.01 -9.96 -12.65
CA THR A 182 -2.19 -9.18 -12.24
C THR A 182 -3.45 -9.79 -12.84
N LEU A 183 -4.38 -10.14 -11.97
CA LEU A 183 -5.72 -10.60 -12.38
C LEU A 183 -5.68 -11.82 -13.28
N CYS A 184 -4.70 -12.69 -13.09
CA CYS A 184 -4.53 -13.90 -13.88
C CYS A 184 -4.82 -15.16 -13.10
N LEU A 185 -4.21 -15.35 -11.93
CA LEU A 185 -4.25 -16.65 -11.32
C LEU A 185 -5.62 -17.11 -10.90
N ASP A 186 -6.52 -16.21 -10.48
CA ASP A 186 -7.87 -16.69 -10.12
C ASP A 186 -8.62 -17.18 -11.39
N ALA A 187 -8.35 -16.57 -12.53
CA ALA A 187 -9.02 -17.00 -13.77
C ALA A 187 -8.40 -18.31 -14.28
N ALA A 188 -7.09 -18.52 -14.06
CA ALA A 188 -6.38 -19.66 -14.64
C ALA A 188 -6.48 -20.92 -13.86
N CYS A 189 -6.79 -20.89 -12.56
CA CYS A 189 -6.69 -22.06 -11.71
C CYS A 189 -8.02 -22.55 -11.26
N PRO A 190 -8.44 -23.78 -11.66
CA PRO A 190 -9.80 -24.23 -11.32
C PRO A 190 -10.03 -24.61 -9.87
N ASP A 191 -8.97 -24.83 -9.11
CA ASP A 191 -9.11 -25.20 -7.71
C ASP A 191 -7.87 -24.80 -6.93
N LEU A 192 -7.96 -24.87 -5.61
CA LEU A 192 -6.87 -24.45 -4.74
C LEU A 192 -5.57 -25.26 -4.92
N PRO A 193 -5.61 -26.58 -5.13
CA PRO A 193 -4.35 -27.29 -5.40
C PRO A 193 -3.70 -26.80 -6.70
N THR A 194 -4.48 -26.47 -7.75
CA THR A 194 -3.88 -25.94 -8.98
C THR A 194 -3.28 -24.55 -8.71
N TYR A 195 -3.95 -23.74 -7.89
CA TYR A 195 -3.44 -22.41 -7.53
C TYR A 195 -2.06 -22.51 -6.84
N CYS A 196 -1.95 -23.43 -5.86
CA CYS A 196 -0.67 -23.58 -5.20
C CYS A 196 0.40 -24.10 -6.18
N ARG A 197 0.02 -25.06 -7.06
CA ARG A 197 0.98 -25.53 -8.03
C ARG A 197 1.38 -24.40 -8.98
N ALA A 198 0.43 -23.52 -9.40
CA ALA A 198 0.78 -22.43 -10.30
C ALA A 198 1.79 -21.49 -9.63
N LEU A 199 1.67 -21.28 -8.31
CA LEU A 199 2.64 -20.43 -7.63
C LEU A 199 4.04 -21.09 -7.65
N ARG A 200 4.08 -22.42 -7.50
CA ARG A 200 5.37 -23.14 -7.63
C ARG A 200 5.89 -23.01 -9.06
N ASN A 201 4.98 -23.13 -10.06
CA ASN A 201 5.41 -23.07 -11.45
C ASN A 201 5.94 -21.70 -11.80
N LEU A 202 5.32 -20.61 -11.29
CA LEU A 202 5.87 -19.28 -11.50
C LEU A 202 7.25 -19.18 -10.81
N GLY A 203 7.41 -19.82 -9.67
CA GLY A 203 8.67 -19.79 -8.94
C GLY A 203 9.79 -20.42 -9.74
N SER A 204 9.48 -21.39 -10.62
CA SER A 204 10.55 -22.01 -11.45
C SER A 204 11.15 -20.97 -12.43
N LEU A 205 10.51 -19.85 -12.65
CA LEU A 205 10.99 -18.80 -13.57
C LEU A 205 11.81 -17.74 -12.84
N LEU A 206 11.87 -17.81 -11.51
CA LEU A 206 12.39 -16.79 -10.64
C LEU A 206 13.72 -17.25 -10.02
N LYS A 207 14.64 -16.33 -9.93
CA LYS A 207 15.92 -16.63 -9.30
C LYS A 207 15.69 -16.85 -7.79
N PRO A 208 16.62 -17.58 -7.08
CA PRO A 208 16.47 -17.69 -5.60
C PRO A 208 16.45 -16.27 -5.00
N GLY A 209 15.55 -16.02 -4.07
CA GLY A 209 15.44 -14.69 -3.49
C GLY A 209 14.74 -13.64 -4.36
N GLY A 210 14.29 -14.04 -5.54
CA GLY A 210 13.60 -13.13 -6.44
C GLY A 210 12.23 -12.73 -5.91
N PHE A 211 11.69 -11.68 -6.50
CA PHE A 211 10.38 -11.16 -6.04
C PHE A 211 9.21 -11.68 -6.81
N LEU A 212 8.15 -11.98 -6.08
CA LEU A 212 6.86 -12.39 -6.66
C LEU A 212 5.85 -11.28 -6.30
N VAL A 213 5.21 -10.71 -7.33
CA VAL A 213 4.23 -9.65 -7.11
C VAL A 213 2.91 -10.12 -7.69
N ILE A 214 1.87 -10.28 -6.86
CA ILE A 214 0.57 -10.77 -7.32
C ILE A 214 -0.49 -9.78 -6.90
N MET A 215 -1.41 -9.48 -7.82
CA MET A 215 -2.58 -8.66 -7.49
C MET A 215 -3.77 -9.37 -8.13
N ASP A 216 -4.85 -9.56 -7.39
CA ASP A 216 -6.01 -10.31 -7.95
C ASP A 216 -7.23 -10.11 -7.11
N ALA A 217 -8.35 -10.57 -7.67
CA ALA A 217 -9.62 -10.44 -7.00
C ALA A 217 -9.79 -11.40 -5.84
N LEU A 218 -10.53 -10.98 -4.82
CA LEU A 218 -10.86 -11.86 -3.70
C LEU A 218 -12.31 -12.31 -3.84
N LYS A 219 -12.56 -13.60 -3.56
CA LYS A 219 -13.89 -14.20 -3.44
C LYS A 219 -14.73 -14.03 -4.68
N SER A 220 -14.10 -14.00 -5.85
CA SER A 220 -14.84 -13.88 -7.11
C SER A 220 -14.99 -15.28 -7.71
N SER A 221 -16.23 -15.64 -8.11
CA SER A 221 -16.44 -16.91 -8.79
C SER A 221 -16.68 -16.76 -10.29
N TYR A 222 -16.79 -15.54 -10.79
CA TYR A 222 -16.83 -15.28 -12.21
C TYR A 222 -16.48 -13.84 -12.52
N TYR A 223 -16.19 -13.56 -13.77
CA TYR A 223 -16.12 -12.22 -14.30
C TYR A 223 -16.68 -12.26 -15.73
N MET A 224 -17.12 -11.11 -16.19
CA MET A 224 -17.81 -10.99 -17.48
C MET A 224 -17.07 -10.11 -18.44
N ILE A 225 -17.18 -10.43 -19.75
CA ILE A 225 -16.72 -9.50 -20.76
C ILE A 225 -17.94 -9.38 -21.66
N GLY A 226 -18.78 -8.40 -21.36
CA GLY A 226 -20.06 -8.29 -22.07
C GLY A 226 -20.92 -9.48 -21.67
N GLU A 227 -21.48 -10.24 -22.65
CA GLU A 227 -22.30 -11.39 -22.28
C GLU A 227 -21.48 -12.65 -22.06
N GLN A 228 -20.14 -12.60 -22.29
CA GLN A 228 -19.32 -13.78 -22.11
C GLN A 228 -18.89 -13.94 -20.64
N LYS A 229 -19.24 -15.06 -20.04
CA LYS A 229 -18.86 -15.39 -18.68
C LYS A 229 -17.58 -16.16 -18.68
N PHE A 230 -16.74 -15.88 -17.66
CA PHE A 230 -15.51 -16.66 -17.42
C PHE A 230 -15.52 -17.04 -15.94
N SER A 231 -15.12 -18.23 -15.61
CA SER A 231 -15.02 -18.67 -14.20
C SER A 231 -13.82 -17.96 -13.52
N SER A 232 -13.94 -17.90 -12.19
CA SER A 232 -12.80 -17.45 -11.36
C SER A 232 -12.82 -18.33 -10.12
N LEU A 233 -11.62 -18.51 -9.56
CA LEU A 233 -11.52 -19.28 -8.29
C LEU A 233 -11.76 -18.31 -7.11
N PRO A 234 -12.78 -18.58 -6.28
CA PRO A 234 -13.15 -17.59 -5.26
C PRO A 234 -12.37 -17.66 -3.94
N LEU A 235 -11.14 -17.24 -3.96
CA LEU A 235 -10.30 -17.32 -2.74
C LEU A 235 -10.39 -16.15 -1.84
N GLY A 236 -10.32 -16.41 -0.53
CA GLY A 236 -10.17 -15.36 0.43
C GLY A 236 -8.69 -15.11 0.76
N ARG A 237 -8.42 -14.04 1.52
CA ARG A 237 -7.05 -13.64 1.77
C ARG A 237 -6.28 -14.73 2.53
N GLU A 238 -6.93 -15.48 3.41
CA GLU A 238 -6.20 -16.49 4.19
C GLU A 238 -5.70 -17.61 3.26
N ALA A 239 -6.54 -18.06 2.32
CA ALA A 239 -6.14 -19.14 1.41
C ALA A 239 -5.04 -18.66 0.46
N VAL A 240 -5.06 -17.39 0.03
CA VAL A 240 -3.98 -16.87 -0.83
C VAL A 240 -2.65 -16.86 -0.05
N GLU A 241 -2.66 -16.34 1.16
CA GLU A 241 -1.43 -16.31 1.95
C GLU A 241 -0.93 -17.71 2.22
N ALA A 242 -1.82 -18.64 2.58
CA ALA A 242 -1.40 -20.01 2.86
C ALA A 242 -0.79 -20.64 1.59
N ALA A 243 -1.35 -20.38 0.41
CA ALA A 243 -0.84 -21.03 -0.81
C ALA A 243 0.55 -20.48 -1.15
N VAL A 244 0.79 -19.19 -0.91
CA VAL A 244 2.10 -18.58 -1.17
C VAL A 244 3.14 -19.16 -0.23
N LYS A 245 2.81 -19.34 1.05
CA LYS A 245 3.77 -19.98 1.97
C LYS A 245 3.99 -21.44 1.60
N GLU A 246 2.92 -22.17 1.22
CA GLU A 246 3.08 -23.57 0.85
C GLU A 246 3.99 -23.70 -0.38
N ALA A 247 3.91 -22.72 -1.32
CA ALA A 247 4.67 -22.77 -2.55
C ALA A 247 6.12 -22.33 -2.41
N GLY A 248 6.53 -21.95 -1.21
CA GLY A 248 7.93 -21.70 -0.93
C GLY A 248 8.34 -20.27 -1.02
N TYR A 249 7.48 -19.35 -0.62
CA TYR A 249 7.82 -17.92 -0.56
C TYR A 249 7.66 -17.39 0.85
N THR A 250 8.22 -16.22 1.07
CA THR A 250 8.04 -15.50 2.31
C THR A 250 7.45 -14.15 1.98
N ILE A 251 6.39 -13.76 2.67
CA ILE A 251 5.64 -12.54 2.31
C ILE A 251 6.15 -11.31 3.00
N GLU A 252 6.44 -10.24 2.22
CA GLU A 252 6.93 -8.95 2.75
C GLU A 252 5.78 -8.03 3.13
N TRP A 253 4.75 -7.97 2.30
CA TRP A 253 3.55 -7.19 2.67
C TRP A 253 2.35 -7.71 1.91
N PHE A 254 1.18 -7.48 2.49
CA PHE A 254 -0.05 -8.00 1.93
C PHE A 254 -1.12 -6.96 2.21
N GLU A 255 -1.80 -6.46 1.16
CA GLU A 255 -2.85 -5.44 1.30
C GLU A 255 -4.18 -5.94 0.76
N VAL A 256 -5.27 -5.66 1.40
CA VAL A 256 -6.62 -5.92 0.92
C VAL A 256 -7.29 -4.60 0.76
N ILE A 257 -7.96 -4.40 -0.37
CA ILE A 257 -8.83 -3.22 -0.58
C ILE A 257 -10.25 -3.74 -0.66
N SER A 258 -11.19 -2.97 -0.15
N SER A 258 -11.18 -2.94 -0.20
CA SER A 258 -12.57 -3.40 -0.14
CA SER A 258 -12.58 -3.33 -0.14
C SER A 258 -13.28 -3.17 -1.47
C SER A 258 -13.36 -3.05 -1.42
N GLN A 259 -12.86 -2.15 -2.27
CA GLN A 259 -13.54 -1.80 -3.54
C GLN A 259 -13.68 -3.02 -4.43
N SER A 260 -14.91 -3.23 -4.90
CA SER A 260 -15.21 -4.35 -5.78
C SER A 260 -15.56 -3.83 -7.14
N TYR A 261 -15.53 -4.74 -8.17
CA TYR A 261 -15.94 -4.32 -9.51
C TYR A 261 -17.42 -4.07 -9.49
N SER A 262 -17.90 -3.47 -10.59
CA SER A 262 -19.33 -3.26 -10.78
C SER A 262 -20.05 -4.63 -10.80
N SER A 263 -21.31 -4.68 -10.37
CA SER A 263 -22.04 -5.95 -10.29
C SER A 263 -22.24 -6.67 -11.62
N THR A 264 -22.20 -5.92 -12.75
CA THR A 264 -22.32 -6.47 -14.12
C THR A 264 -21.01 -7.04 -14.60
N MET A 265 -19.91 -6.86 -13.83
CA MET A 265 -18.63 -7.34 -14.24
C MET A 265 -18.19 -8.55 -13.46
N ALA A 266 -18.29 -8.50 -12.14
CA ALA A 266 -17.73 -9.59 -11.32
C ALA A 266 -18.29 -9.57 -9.92
N ASN A 267 -18.28 -10.73 -9.26
CA ASN A 267 -18.85 -10.80 -7.90
C ASN A 267 -17.76 -10.85 -6.82
N ASN A 268 -16.69 -10.06 -6.96
CA ASN A 268 -15.62 -10.11 -5.97
C ASN A 268 -16.02 -9.36 -4.72
N GLU A 269 -15.24 -9.60 -3.67
CA GLU A 269 -15.26 -8.86 -2.41
C GLU A 269 -13.87 -8.29 -2.26
N GLY A 270 -13.60 -7.27 -3.03
CA GLY A 270 -12.32 -6.57 -3.01
C GLY A 270 -11.20 -7.26 -3.76
N LEU A 271 -9.98 -6.80 -3.54
CA LEU A 271 -8.81 -7.29 -4.22
C LEU A 271 -7.67 -7.33 -3.26
N PHE A 272 -6.68 -8.11 -3.55
CA PHE A 272 -5.46 -8.14 -2.78
C PHE A 272 -4.26 -7.78 -3.66
N SER A 273 -3.19 -7.37 -2.97
CA SER A 273 -1.88 -7.17 -3.56
C SER A 273 -0.87 -7.73 -2.58
N LEU A 274 0.14 -8.40 -3.10
CA LEU A 274 1.21 -8.89 -2.24
C LEU A 274 2.54 -8.84 -2.92
N VAL A 275 3.60 -8.76 -2.08
CA VAL A 275 4.99 -8.89 -2.55
C VAL A 275 5.62 -9.94 -1.63
N ALA A 276 6.24 -10.93 -2.27
CA ALA A 276 6.91 -12.00 -1.58
C ALA A 276 8.28 -12.24 -2.22
N ARG A 277 9.14 -13.00 -1.50
CA ARG A 277 10.41 -13.44 -2.05
C ARG A 277 10.47 -14.97 -2.09
N LYS A 278 11.07 -15.51 -3.12
CA LYS A 278 11.22 -16.95 -3.22
C LYS A 278 12.30 -17.46 -2.28
N LEU A 279 12.01 -18.52 -1.52
CA LEU A 279 13.06 -19.13 -0.65
C LEU A 279 13.93 -20.08 -1.51
N PHE B 24 -0.65 -2.38 33.17
CA PHE B 24 -0.44 -1.53 32.01
C PHE B 24 0.05 -0.14 32.44
N THR B 25 0.96 0.48 31.67
CA THR B 25 1.53 1.80 31.99
C THR B 25 0.40 2.81 32.11
N SER B 26 0.36 3.52 33.26
CA SER B 26 -0.67 4.54 33.47
C SER B 26 -0.39 5.76 32.62
N LYS B 27 -1.42 6.55 32.23
CA LYS B 27 -1.20 7.68 31.34
C LYS B 27 -0.34 8.74 31.99
N ASP B 28 -0.39 8.90 33.32
CA ASP B 28 0.49 9.87 33.97
C ASP B 28 1.97 9.55 33.75
N THR B 29 2.32 8.26 33.49
CA THR B 29 3.71 7.90 33.22
C THR B 29 4.25 8.59 31.95
N TYR B 30 3.35 8.85 30.98
CA TYR B 30 3.76 9.57 29.78
C TYR B 30 4.13 11.01 30.06
N LEU B 31 3.53 11.63 31.07
CA LEU B 31 3.85 13.03 31.36
C LEU B 31 5.30 13.17 31.90
N SER B 32 5.71 12.19 32.70
CA SER B 32 6.94 12.22 33.47
C SER B 32 8.11 11.41 32.93
N HIS B 33 7.82 10.24 32.31
CA HIS B 33 8.86 9.31 31.97
C HIS B 33 9.13 9.10 30.49
N PHE B 34 8.28 9.67 29.62
CA PHE B 34 8.53 9.55 28.16
C PHE B 34 9.43 10.73 27.76
N ASN B 35 10.69 10.43 27.48
CA ASN B 35 11.68 11.45 27.18
C ASN B 35 11.65 11.71 25.68
N PRO B 36 11.14 12.88 25.25
CA PRO B 36 10.95 13.07 23.79
C PRO B 36 12.23 13.03 22.97
N ARG B 37 13.31 13.63 23.51
CA ARG B 37 14.56 13.64 22.75
C ARG B 37 15.13 12.23 22.65
N ASP B 38 15.02 11.43 23.72
CA ASP B 38 15.52 10.06 23.66
C ASP B 38 14.69 9.21 22.72
N TYR B 39 13.35 9.43 22.71
CA TYR B 39 12.50 8.70 21.74
C TYR B 39 12.95 8.99 20.30
N LEU B 40 13.20 10.28 19.99
CA LEU B 40 13.65 10.66 18.64
C LEU B 40 15.00 10.04 18.30
N GLU B 41 15.91 10.08 19.28
CA GLU B 41 17.22 9.48 19.06
C GLU B 41 17.15 7.98 18.80
N LYS B 42 16.28 7.26 19.55
CA LYS B 42 16.20 5.82 19.41
C LYS B 42 15.52 5.34 18.14
N TYR B 43 14.45 6.04 17.74
CA TYR B 43 13.65 5.54 16.61
C TYR B 43 13.70 6.34 15.34
N TYR B 44 14.15 7.61 15.39
CA TYR B 44 13.98 8.51 14.22
C TYR B 44 15.24 9.22 13.75
N LYS B 45 16.41 8.73 14.15
CA LYS B 45 17.68 9.34 13.71
C LYS B 45 17.89 9.11 12.21
N PHE B 46 17.43 7.99 11.68
CA PHE B 46 17.48 7.68 10.25
C PHE B 46 18.88 7.78 9.68
N GLY B 47 19.83 7.19 10.39
CA GLY B 47 21.23 7.17 9.96
C GLY B 47 21.47 6.22 8.79
N HIS B 50 21.32 0.57 8.06
CA HIS B 50 20.24 -0.33 7.65
C HIS B 50 19.53 -1.00 8.86
N SER B 51 19.10 -0.20 9.83
CA SER B 51 18.48 -0.76 11.05
C SER B 51 17.02 -1.11 10.84
N ALA B 52 16.45 -1.98 11.71
CA ALA B 52 15.02 -2.31 11.61
C ALA B 52 14.19 -1.03 11.80
N GLU B 53 14.61 -0.15 12.74
CA GLU B 53 13.87 1.13 12.98
C GLU B 53 13.83 2.00 11.74
N SER B 54 14.96 2.09 11.00
CA SER B 54 14.94 2.91 9.78
C SER B 54 14.15 2.23 8.68
N GLN B 55 14.17 0.89 8.59
CA GLN B 55 13.38 0.19 7.58
C GLN B 55 11.88 0.43 7.84
N ILE B 56 11.47 0.38 9.10
CA ILE B 56 10.05 0.64 9.42
C ILE B 56 9.70 2.07 9.12
N LEU B 57 10.60 3.01 9.47
CA LEU B 57 10.34 4.43 9.14
C LEU B 57 10.14 4.63 7.59
N LYS B 58 11.00 3.98 6.78
CA LYS B 58 10.81 4.07 5.32
C LYS B 58 9.49 3.51 4.89
N HIS B 59 9.07 2.34 5.46
CA HIS B 59 7.78 1.79 5.11
C HIS B 59 6.61 2.71 5.48
N LEU B 60 6.65 3.29 6.71
CA LEU B 60 5.61 4.21 7.11
C LEU B 60 5.55 5.42 6.14
N LEU B 61 6.73 5.97 5.77
CA LEU B 61 6.74 7.10 4.87
C LEU B 61 6.18 6.76 3.49
N LYS B 62 6.52 5.56 2.98
CA LYS B 62 5.95 5.17 1.67
C LYS B 62 4.46 4.98 1.71
N ASN B 63 3.94 4.39 2.82
CA ASN B 63 2.49 4.25 2.94
C ASN B 63 1.78 5.56 3.10
N LEU B 64 2.36 6.50 3.88
CA LEU B 64 1.76 7.81 4.04
C LEU B 64 1.73 8.55 2.69
N PHE B 65 2.80 8.40 1.89
CA PHE B 65 2.83 9.05 0.57
C PHE B 65 1.74 8.39 -0.32
N LYS B 66 1.58 7.05 -0.23
CA LYS B 66 0.50 6.36 -1.01
C LYS B 66 -0.91 6.84 -0.63
N ILE B 67 -1.12 7.09 0.66
CA ILE B 67 -2.45 7.53 1.11
C ILE B 67 -2.73 9.01 0.79
N PHE B 68 -1.72 9.87 1.00
CA PHE B 68 -1.95 11.33 0.88
C PHE B 68 -1.58 11.98 -0.43
N CYS B 69 -0.48 11.54 -1.03
CA CYS B 69 -0.04 12.19 -2.24
C CYS B 69 -0.47 11.38 -3.43
N LEU B 70 -0.15 10.07 -3.47
CA LEU B 70 -0.67 9.20 -4.53
C LEU B 70 -2.22 9.16 -4.50
N GLY B 72 -5.52 11.05 -3.31
CA GLY B 72 -6.12 10.20 -2.30
C GLY B 72 -6.83 11.01 -1.24
N VAL B 73 -6.40 10.86 0.01
CA VAL B 73 -7.01 11.60 1.12
C VAL B 73 -6.51 13.04 1.15
N LYS B 74 -7.45 13.98 1.15
CA LYS B 74 -7.15 15.41 1.12
C LYS B 74 -8.27 16.21 1.82
N GLY B 75 -8.02 17.50 2.04
CA GLY B 75 -9.04 18.33 2.62
C GLY B 75 -8.56 19.57 3.29
N ASP B 76 -9.44 20.19 4.01
CA ASP B 76 -9.15 21.42 4.69
C ASP B 76 -8.46 21.16 6.01
N LEU B 77 -8.81 20.03 6.71
CA LEU B 77 -8.26 19.83 8.04
C LEU B 77 -7.96 18.36 8.31
N LEU B 78 -6.75 18.13 8.80
CA LEU B 78 -6.30 16.82 9.29
C LEU B 78 -5.93 17.02 10.76
N ILE B 79 -6.35 16.10 11.63
CA ILE B 79 -5.94 16.10 13.04
C ILE B 79 -5.07 14.88 13.24
N ASP B 80 -3.84 15.07 13.74
CA ASP B 80 -2.91 13.98 14.05
C ASP B 80 -3.01 13.74 15.54
N ILE B 81 -3.32 12.51 15.92
CA ILE B 81 -3.62 12.10 17.31
C ILE B 81 -2.45 11.35 17.88
N GLY B 82 -1.95 11.81 19.03
CA GLY B 82 -0.82 11.12 19.64
C GLY B 82 0.44 11.28 18.83
N SER B 83 0.68 12.49 18.33
CA SER B 83 1.81 12.88 17.51
C SER B 83 3.15 12.62 18.20
N GLY B 84 3.15 12.64 19.53
CA GLY B 84 4.42 12.60 20.25
C GLY B 84 5.24 13.83 19.84
N PRO B 85 6.56 13.63 19.78
CA PRO B 85 7.44 14.73 19.34
C PRO B 85 7.79 14.60 17.85
N THR B 86 7.02 13.83 17.05
CA THR B 86 7.43 13.54 15.68
C THR B 86 6.62 14.31 14.66
N ILE B 87 7.27 14.57 13.51
CA ILE B 87 6.61 15.26 12.42
C ILE B 87 6.66 14.40 11.13
N TYR B 88 7.37 13.26 11.12
CA TYR B 88 7.51 12.44 9.90
C TYR B 88 6.17 12.09 9.28
N GLN B 89 5.17 11.87 10.15
CA GLN B 89 3.87 11.40 9.70
C GLN B 89 3.04 12.46 9.06
N LEU B 90 3.58 13.71 9.01
CA LEU B 90 2.88 14.88 8.44
C LEU B 90 3.49 15.37 7.14
N LEU B 91 4.64 14.81 6.72
CA LEU B 91 5.37 15.40 5.60
C LEU B 91 4.65 15.22 4.28
N SER B 92 4.03 14.08 4.00
CA SER B 92 3.24 13.95 2.76
C SER B 92 1.87 14.62 2.98
N ALA B 93 1.29 14.49 4.20
CA ALA B 93 -0.01 15.09 4.48
C ALA B 93 -0.06 16.59 4.24
N CYS B 94 1.04 17.33 4.49
CA CYS B 94 0.99 18.80 4.32
C CYS B 94 0.81 19.20 2.84
N GLU B 95 1.00 18.28 1.91
CA GLU B 95 0.74 18.61 0.50
C GLU B 95 -0.77 18.58 0.20
N SER B 96 -1.56 17.86 1.01
CA SER B 96 -2.98 17.62 0.75
C SER B 96 -3.95 18.24 1.71
N PHE B 97 -3.45 18.83 2.80
CA PHE B 97 -4.35 19.47 3.77
C PHE B 97 -3.94 20.91 4.00
N LYS B 98 -4.91 21.80 4.00
CA LYS B 98 -4.64 23.21 4.23
C LYS B 98 -4.17 23.44 5.68
N GLU B 99 -4.80 22.76 6.62
CA GLU B 99 -4.44 22.90 8.03
C GLU B 99 -4.26 21.53 8.65
N ILE B 100 -3.25 21.42 9.51
CA ILE B 100 -3.00 20.20 10.27
C ILE B 100 -2.93 20.59 11.76
N VAL B 101 -3.67 19.88 12.62
CA VAL B 101 -3.62 20.11 14.08
C VAL B 101 -2.85 18.91 14.65
N VAL B 102 -1.84 19.18 15.48
CA VAL B 102 -1.06 18.12 16.09
C VAL B 102 -1.42 18.04 17.57
N THR B 103 -1.47 16.83 18.11
CA THR B 103 -1.95 16.63 19.48
C THR B 103 -1.23 15.56 20.20
N ASP B 104 -1.20 15.60 21.53
CA ASP B 104 -0.58 14.51 22.29
C ASP B 104 -0.99 14.60 23.74
N TYR B 105 -0.88 13.50 24.49
CA TYR B 105 -1.14 13.57 25.93
C TYR B 105 0.01 14.25 26.68
N SER B 106 1.25 14.11 26.20
CA SER B 106 2.40 14.63 26.94
C SER B 106 2.71 16.08 26.54
N ASP B 107 2.74 16.97 27.56
CA ASP B 107 3.10 18.38 27.30
C ASP B 107 4.59 18.45 26.93
N GLN B 108 5.46 17.54 27.46
CA GLN B 108 6.88 17.56 27.06
C GLN B 108 7.01 17.27 25.56
N ASN B 109 6.16 16.35 25.03
CA ASN B 109 6.22 16.04 23.63
C ASN B 109 5.76 17.23 22.78
N LEU B 110 4.69 17.89 23.22
CA LEU B 110 4.19 19.07 22.48
C LEU B 110 5.24 20.19 22.46
N GLN B 111 5.96 20.34 23.57
CA GLN B 111 6.99 21.38 23.60
C GLN B 111 8.13 21.03 22.62
N GLU B 112 8.46 19.75 22.49
CA GLU B 112 9.50 19.30 21.55
C GLU B 112 9.05 19.55 20.10
N LEU B 113 7.75 19.30 19.82
CA LEU B 113 7.16 19.60 18.51
C LEU B 113 7.25 21.08 18.23
N GLU B 114 6.89 21.89 19.21
CA GLU B 114 6.88 23.34 19.05
C GLU B 114 8.26 23.89 18.80
N LYS B 115 9.31 23.28 19.38
CA LYS B 115 10.68 23.72 19.09
C LYS B 115 10.98 23.56 17.59
N TRP B 116 10.49 22.46 16.98
CA TRP B 116 10.71 22.27 15.56
C TRP B 116 9.86 23.21 14.74
N LEU B 117 8.59 23.35 15.10
CA LEU B 117 7.70 24.24 14.34
C LEU B 117 8.20 25.67 14.34
N LYS B 118 8.74 26.13 15.46
CA LYS B 118 9.30 27.50 15.54
C LYS B 118 10.76 27.59 15.11
N ALA B 119 11.38 26.51 14.67
CA ALA B 119 12.79 26.50 14.25
C ALA B 119 13.70 26.96 15.38
N ALA B 120 13.40 26.53 16.60
CA ALA B 120 14.24 26.85 17.76
C ALA B 120 15.58 26.10 17.64
N PRO B 121 16.67 26.64 18.23
CA PRO B 121 17.98 25.99 18.05
C PRO B 121 18.08 24.54 18.54
N ALA B 122 17.35 24.18 19.58
CA ALA B 122 17.45 22.81 20.10
C ALA B 122 16.50 21.85 19.41
N ALA B 123 15.85 22.26 18.31
CA ALA B 123 14.91 21.40 17.60
C ALA B 123 15.62 20.19 17.03
N PHE B 124 14.87 19.07 16.89
CA PHE B 124 15.46 17.85 16.31
C PHE B 124 15.76 18.04 14.84
N ASP B 125 16.78 17.35 14.35
CA ASP B 125 17.13 17.45 12.92
C ASP B 125 16.39 16.39 12.13
N TRP B 126 15.29 16.81 11.48
CA TRP B 126 14.51 15.91 10.62
C TRP B 126 14.99 15.91 9.18
N SER B 127 16.09 16.66 8.84
CA SER B 127 16.48 16.80 7.43
C SER B 127 16.69 15.48 6.66
N PRO B 128 17.25 14.37 7.22
CA PRO B 128 17.36 13.13 6.41
C PRO B 128 16.00 12.55 6.04
N VAL B 129 15.01 12.68 6.96
CA VAL B 129 13.66 12.18 6.70
C VAL B 129 12.99 13.09 5.67
N VAL B 130 13.12 14.42 5.84
CA VAL B 130 12.52 15.37 4.88
C VAL B 130 13.05 15.12 3.45
N THR B 131 14.37 14.90 3.35
CA THR B 131 14.98 14.64 2.04
C THR B 131 14.41 13.36 1.42
N TYR B 132 14.24 12.30 2.26
CA TYR B 132 13.69 11.05 1.78
C TYR B 132 12.25 11.23 1.24
N VAL B 133 11.41 12.02 1.93
CA VAL B 133 10.06 12.28 1.46
C VAL B 133 10.08 13.12 0.15
N CYS B 134 10.99 14.10 0.08
CA CYS B 134 11.11 14.90 -1.17
C CYS B 134 11.45 13.98 -2.37
N ASP B 135 12.31 12.98 -2.13
CA ASP B 135 12.66 11.99 -3.14
C ASP B 135 11.44 11.15 -3.56
N LEU B 136 10.67 10.64 -2.59
CA LEU B 136 9.48 9.81 -2.86
C LEU B 136 8.48 10.56 -3.75
N GLU B 137 8.29 11.83 -3.44
CA GLU B 137 7.30 12.70 -4.08
C GLU B 137 7.73 13.26 -5.45
N GLY B 138 8.90 12.85 -5.95
CA GLY B 138 9.32 13.20 -7.30
C GLY B 138 10.37 14.28 -7.43
N ASN B 139 10.97 14.69 -6.30
CA ASN B 139 11.95 15.78 -6.28
C ASN B 139 11.39 17.06 -6.87
N ARG B 140 10.09 17.29 -6.60
CA ARG B 140 9.43 18.51 -7.05
C ARG B 140 10.02 19.71 -6.26
N VAL B 141 10.34 19.51 -4.97
CA VAL B 141 10.88 20.54 -4.09
C VAL B 141 12.09 19.98 -3.30
N LYS B 142 12.87 20.88 -2.69
CA LYS B 142 13.96 20.50 -1.81
C LYS B 142 13.49 20.63 -0.34
N GLY B 143 14.32 20.14 0.57
CA GLY B 143 14.03 20.11 1.99
C GLY B 143 13.47 21.37 2.62
N PRO B 144 14.17 22.52 2.50
CA PRO B 144 13.66 23.74 3.16
C PRO B 144 12.23 24.15 2.74
N GLU B 145 11.90 24.00 1.45
CA GLU B 145 10.55 24.33 0.97
C GLU B 145 9.51 23.37 1.58
N LYS B 146 9.84 22.07 1.62
CA LYS B 146 8.94 21.09 2.25
C LYS B 146 8.69 21.42 3.75
N GLU B 147 9.76 21.72 4.49
CA GLU B 147 9.61 22.05 5.91
C GLU B 147 8.77 23.28 6.11
N GLU B 148 8.98 24.31 5.26
CA GLU B 148 8.20 25.53 5.39
C GLU B 148 6.72 25.22 5.12
N LYS B 149 6.42 24.36 4.13
CA LYS B 149 5.02 24.00 3.86
C LYS B 149 4.36 23.33 5.08
N LEU B 150 5.12 22.48 5.77
CA LEU B 150 4.57 21.84 6.97
C LEU B 150 4.39 22.85 8.09
N ARG B 151 5.40 23.73 8.32
CA ARG B 151 5.27 24.75 9.37
C ARG B 151 4.08 25.64 9.13
N GLN B 152 3.80 26.01 7.86
CA GLN B 152 2.64 26.84 7.58
C GLN B 152 1.32 26.11 7.78
N ALA B 153 1.33 24.78 7.64
CA ALA B 153 0.09 24.01 7.79
C ALA B 153 -0.33 23.82 9.22
N VAL B 154 0.64 23.79 10.16
CA VAL B 154 0.32 23.53 11.54
C VAL B 154 0.00 24.80 12.31
N LYS B 155 -1.27 25.02 12.75
CA LYS B 155 -1.60 26.25 13.49
C LYS B 155 -1.88 26.00 14.97
N GLN B 156 -2.28 24.75 15.33
CA GLN B 156 -2.61 24.44 16.72
C GLN B 156 -1.92 23.17 17.17
N VAL B 157 -1.40 23.19 18.41
CA VAL B 157 -0.68 22.11 19.05
C VAL B 157 -1.41 21.93 20.36
N LEU B 158 -2.15 20.83 20.50
CA LEU B 158 -3.11 20.64 21.57
C LEU B 158 -2.94 19.40 22.40
N LYS B 159 -3.31 19.49 23.66
CA LYS B 159 -3.40 18.35 24.54
C LYS B 159 -4.55 17.45 24.08
N CYS B 160 -4.31 16.14 24.08
N CYS B 160 -4.27 16.16 24.11
CA CYS B 160 -5.38 15.21 23.82
CA CYS B 160 -5.23 15.18 23.71
C CYS B 160 -5.31 14.02 24.73
C CYS B 160 -5.25 13.94 24.62
N ASP B 161 -6.44 13.35 24.90
CA ASP B 161 -6.47 12.10 25.63
C ASP B 161 -7.48 11.23 24.90
N VAL B 162 -6.99 10.22 24.17
CA VAL B 162 -7.87 9.38 23.34
C VAL B 162 -8.89 8.60 24.15
N THR B 163 -8.66 8.45 25.47
CA THR B 163 -9.59 7.62 26.26
C THR B 163 -10.83 8.42 26.69
N GLN B 164 -10.87 9.74 26.41
CA GLN B 164 -12.00 10.57 26.81
C GLN B 164 -12.97 10.78 25.70
N SER B 165 -14.25 10.92 26.07
CA SER B 165 -15.30 11.14 25.07
C SER B 165 -15.02 12.39 24.19
N GLN B 166 -14.44 13.45 24.81
CA GLN B 166 -14.00 14.65 24.11
C GLN B 166 -12.45 14.59 24.21
N PRO B 167 -11.75 13.98 23.24
CA PRO B 167 -10.28 13.86 23.39
C PRO B 167 -9.56 15.19 23.51
N LEU B 168 -10.12 16.25 22.94
CA LEU B 168 -9.47 17.56 22.99
C LEU B 168 -10.03 18.42 24.12
N GLY B 169 -10.71 17.80 25.08
CA GLY B 169 -11.22 18.50 26.27
C GLY B 169 -12.19 19.62 25.96
N ALA B 170 -11.90 20.80 26.47
CA ALA B 170 -12.79 21.94 26.23
C ALA B 170 -12.60 22.59 24.88
N VAL B 171 -11.50 22.27 24.15
CA VAL B 171 -11.22 22.94 22.90
C VAL B 171 -12.09 22.48 21.77
N PRO B 172 -12.81 23.41 21.13
CA PRO B 172 -13.60 23.03 19.97
C PRO B 172 -12.77 23.14 18.70
N LEU B 173 -13.03 22.24 17.79
CA LEU B 173 -12.40 22.30 16.47
C LEU B 173 -13.49 21.97 15.48
N PRO B 174 -13.38 22.45 14.25
CA PRO B 174 -14.31 22.00 13.21
C PRO B 174 -14.12 20.50 12.98
N PRO B 175 -15.15 19.78 12.51
CA PRO B 175 -15.00 18.36 12.19
C PRO B 175 -13.91 18.22 11.10
N ALA B 176 -13.01 17.28 11.30
CA ALA B 176 -11.91 17.10 10.37
C ALA B 176 -12.26 16.29 9.16
N ASP B 177 -11.49 16.49 8.09
CA ASP B 177 -11.62 15.63 6.91
C ASP B 177 -10.85 14.29 7.11
N CYS B 178 -9.81 14.31 7.95
CA CYS B 178 -9.04 13.10 8.23
C CYS B 178 -8.53 13.16 9.67
N VAL B 179 -8.55 12.01 10.33
CA VAL B 179 -7.89 11.83 11.63
C VAL B 179 -6.80 10.77 11.42
N LEU B 180 -5.58 11.12 11.74
CA LEU B 180 -4.41 10.24 11.57
C LEU B 180 -3.85 9.90 12.93
N SER B 181 -3.40 8.65 13.09
CA SER B 181 -2.73 8.30 14.36
C SER B 181 -1.72 7.23 14.11
N THR B 182 -0.43 7.55 14.35
CA THR B 182 0.65 6.62 14.10
C THR B 182 1.27 6.19 15.44
N LEU B 183 1.28 4.87 15.66
CA LEU B 183 2.01 4.29 16.82
C LEU B 183 1.52 4.83 18.15
N CYS B 184 0.24 5.19 18.27
CA CYS B 184 -0.34 5.72 19.48
C CYS B 184 -1.30 4.78 20.16
N LEU B 185 -2.30 4.28 19.42
CA LEU B 185 -3.41 3.59 20.09
C LEU B 185 -3.02 2.34 20.81
N ASP B 186 -2.05 1.56 20.31
CA ASP B 186 -1.64 0.37 21.08
C ASP B 186 -1.01 0.77 22.43
N ALA B 187 -0.28 1.88 22.43
CA ALA B 187 0.39 2.33 23.67
C ALA B 187 -0.65 2.91 24.63
N ALA B 188 -1.72 3.54 24.11
CA ALA B 188 -2.67 4.28 24.97
C ALA B 188 -3.77 3.45 25.55
N CYS B 189 -4.00 2.23 25.04
CA CYS B 189 -5.20 1.50 25.44
C CYS B 189 -4.87 0.27 26.17
N PRO B 190 -5.38 0.06 27.38
CA PRO B 190 -4.95 -1.13 28.15
C PRO B 190 -5.63 -2.42 27.76
N ASP B 191 -6.76 -2.37 27.04
CA ASP B 191 -7.50 -3.54 26.64
C ASP B 191 -8.33 -3.29 25.40
N LEU B 192 -8.85 -4.33 24.78
CA LEU B 192 -9.60 -4.21 23.55
C LEU B 192 -10.88 -3.35 23.67
N PRO B 193 -11.67 -3.43 24.74
CA PRO B 193 -12.82 -2.51 24.86
C PRO B 193 -12.38 -1.05 24.91
N THR B 194 -11.25 -0.73 25.56
CA THR B 194 -10.76 0.65 25.59
C THR B 194 -10.30 1.06 24.18
N TYR B 195 -9.68 0.13 23.44
CA TYR B 195 -9.23 0.43 22.07
C TYR B 195 -10.44 0.77 21.17
N CYS B 196 -11.54 -0.03 21.29
CA CYS B 196 -12.73 0.28 20.52
C CYS B 196 -13.30 1.66 20.96
N ARG B 197 -13.34 1.95 22.28
CA ARG B 197 -13.84 3.25 22.72
C ARG B 197 -12.97 4.38 22.18
N ALA B 198 -11.65 4.19 22.18
CA ALA B 198 -10.75 5.23 21.69
C ALA B 198 -11.05 5.51 20.18
N LEU B 199 -11.33 4.44 19.40
CA LEU B 199 -11.67 4.67 17.97
C LEU B 199 -12.98 5.46 17.85
N ARG B 200 -13.96 5.19 18.73
CA ARG B 200 -15.18 6.02 18.72
C ARG B 200 -14.85 7.47 19.09
N ASN B 201 -13.96 7.64 20.10
CA ASN B 201 -13.64 9.00 20.54
C ASN B 201 -12.92 9.78 19.44
N LEU B 202 -12.05 9.13 18.68
CA LEU B 202 -11.41 9.78 17.53
C LEU B 202 -12.48 10.14 16.48
N GLY B 203 -13.47 9.27 16.32
CA GLY B 203 -14.55 9.51 15.36
C GLY B 203 -15.33 10.75 15.66
N SER B 204 -15.41 11.13 16.97
CA SER B 204 -16.16 12.35 17.31
C SER B 204 -15.49 13.61 16.71
N LEU B 205 -14.20 13.50 16.31
CA LEU B 205 -13.49 14.65 15.72
C LEU B 205 -13.59 14.68 14.21
N LEU B 206 -14.25 13.69 13.60
CA LEU B 206 -14.20 13.48 12.16
C LEU B 206 -15.59 13.72 11.55
N LYS B 207 -15.62 14.31 10.37
CA LYS B 207 -16.87 14.48 9.64
C LYS B 207 -17.42 13.12 9.24
N PRO B 208 -18.75 13.07 8.97
CA PRO B 208 -19.33 11.87 8.38
C PRO B 208 -18.65 11.64 7.01
N GLY B 209 -18.26 10.40 6.77
CA GLY B 209 -17.54 10.08 5.55
C GLY B 209 -16.07 10.45 5.56
N GLY B 210 -15.58 11.04 6.65
CA GLY B 210 -14.17 11.41 6.78
C GLY B 210 -13.30 10.19 6.92
N PHE B 211 -12.02 10.40 6.73
CA PHE B 211 -11.07 9.30 6.73
C PHE B 211 -10.33 9.13 8.04
N LEU B 212 -10.20 7.89 8.46
CA LEU B 212 -9.40 7.52 9.65
C LEU B 212 -8.20 6.74 9.12
N VAL B 213 -7.00 7.20 9.47
CA VAL B 213 -5.75 6.56 9.02
C VAL B 213 -4.98 6.14 10.23
N ILE B 214 -4.78 4.83 10.42
CA ILE B 214 -4.08 4.33 11.61
C ILE B 214 -2.92 3.50 11.12
N MET B 215 -1.76 3.64 11.74
CA MET B 215 -0.61 2.78 11.49
C MET B 215 -0.08 2.40 12.85
N ASP B 216 0.20 1.14 13.10
CA ASP B 216 0.67 0.76 14.47
C ASP B 216 1.26 -0.62 14.43
N ALA B 217 1.86 -1.00 15.56
CA ALA B 217 2.49 -2.31 15.67
C ALA B 217 1.45 -3.40 15.86
N LEU B 218 1.79 -4.60 15.35
CA LEU B 218 0.96 -5.78 15.61
C LEU B 218 1.60 -6.63 16.69
N LYS B 219 0.79 -7.16 17.61
CA LYS B 219 1.19 -8.15 18.60
C LYS B 219 2.33 -7.71 19.47
N SER B 220 2.43 -6.42 19.76
CA SER B 220 3.49 -5.90 20.67
C SER B 220 2.90 -5.75 22.05
N SER B 221 3.59 -6.26 23.07
CA SER B 221 3.15 -6.04 24.44
C SER B 221 4.01 -5.02 25.18
N TYR B 222 5.09 -4.54 24.59
CA TYR B 222 5.85 -3.44 25.16
C TYR B 222 6.71 -2.79 24.11
N TYR B 223 7.21 -1.60 24.38
CA TYR B 223 8.27 -0.98 23.61
C TYR B 223 9.17 -0.25 24.60
N MET B 224 10.41 -0.03 24.18
CA MET B 224 11.43 0.54 25.05
C MET B 224 11.92 1.87 24.56
N ILE B 225 12.24 2.79 25.50
CA ILE B 225 12.96 4.00 25.12
C ILE B 225 14.20 3.94 26.03
N GLY B 226 15.25 3.35 25.52
CA GLY B 226 16.43 3.08 26.33
C GLY B 226 16.03 1.99 27.33
N GLU B 227 16.33 2.20 28.62
CA GLU B 227 15.95 1.23 29.63
C GLU B 227 14.52 1.44 30.14
N GLN B 228 13.79 2.48 29.67
CA GLN B 228 12.40 2.69 30.12
C GLN B 228 11.44 1.84 29.30
N LYS B 229 10.68 0.99 29.99
CA LYS B 229 9.66 0.15 29.35
C LYS B 229 8.32 0.85 29.38
N PHE B 230 7.56 0.71 28.29
CA PHE B 230 6.19 1.17 28.21
C PHE B 230 5.36 0.00 27.70
N SER B 231 4.17 -0.18 28.25
CA SER B 231 3.25 -1.23 27.80
C SER B 231 2.71 -0.93 26.43
N SER B 232 2.28 -2.03 25.74
CA SER B 232 1.54 -1.88 24.49
C SER B 232 0.45 -2.97 24.51
N LEU B 233 -0.66 -2.68 23.83
CA LEU B 233 -1.73 -3.70 23.70
C LEU B 233 -1.41 -4.61 22.54
N PRO B 234 -1.27 -5.92 22.77
CA PRO B 234 -0.78 -6.78 21.69
C PRO B 234 -1.87 -7.31 20.72
N LEU B 235 -2.36 -6.46 19.89
CA LEU B 235 -3.44 -6.85 18.95
C LEU B 235 -2.96 -7.42 17.68
N GLY B 236 -3.70 -8.40 17.19
CA GLY B 236 -3.51 -8.95 15.87
C GLY B 236 -4.40 -8.25 14.86
N ARG B 237 -4.17 -8.50 13.56
CA ARG B 237 -4.88 -7.81 12.53
C ARG B 237 -6.40 -8.02 12.61
N GLU B 238 -6.84 -9.22 13.01
CA GLU B 238 -8.29 -9.48 13.05
C GLU B 238 -8.95 -8.61 14.10
N ALA B 239 -8.33 -8.49 15.28
CA ALA B 239 -8.93 -7.67 16.34
C ALA B 239 -8.92 -6.19 15.98
N VAL B 240 -7.89 -5.70 15.29
CA VAL B 240 -7.87 -4.30 14.87
C VAL B 240 -9.03 -4.02 13.89
N GLU B 241 -9.17 -4.91 12.89
CA GLU B 241 -10.24 -4.68 11.90
C GLU B 241 -11.60 -4.79 12.58
N ALA B 242 -11.79 -5.76 13.48
CA ALA B 242 -13.10 -5.90 14.15
C ALA B 242 -13.38 -4.66 14.99
N ALA B 243 -12.39 -4.09 15.66
CA ALA B 243 -12.64 -2.94 16.54
C ALA B 243 -13.02 -1.71 15.67
N VAL B 244 -12.41 -1.55 14.50
CA VAL B 244 -12.73 -0.44 13.61
C VAL B 244 -14.16 -0.56 13.11
N LYS B 245 -14.57 -1.77 12.73
CA LYS B 245 -15.99 -1.96 12.29
C LYS B 245 -16.94 -1.74 13.48
N GLU B 246 -16.57 -2.21 14.66
CA GLU B 246 -17.44 -2.03 15.84
C GLU B 246 -17.59 -0.57 16.19
N ALA B 247 -16.53 0.26 15.95
CA ALA B 247 -16.54 1.68 16.28
C ALA B 247 -17.26 2.54 15.24
N GLY B 248 -17.79 1.93 14.18
CA GLY B 248 -18.62 2.67 13.23
C GLY B 248 -17.91 3.19 12.01
N TYR B 249 -16.90 2.42 11.54
CA TYR B 249 -16.22 2.82 10.32
C TYR B 249 -16.36 1.69 9.29
N THR B 250 -16.13 2.00 8.05
CA THR B 250 -15.97 0.98 7.00
C THR B 250 -14.53 0.94 6.55
N ILE B 251 -13.96 -0.24 6.40
CA ILE B 251 -12.55 -0.38 6.04
C ILE B 251 -12.38 -0.21 4.54
N GLU B 252 -11.48 0.70 4.09
CA GLU B 252 -11.16 0.95 2.68
C GLU B 252 -9.97 0.05 2.30
N TRP B 253 -8.91 0.12 3.07
CA TRP B 253 -7.85 -0.83 2.89
C TRP B 253 -7.13 -1.14 4.10
N PHE B 254 -6.42 -2.26 4.07
CA PHE B 254 -5.74 -2.75 5.23
C PHE B 254 -4.49 -3.49 4.77
N GLU B 255 -3.33 -3.07 5.24
CA GLU B 255 -2.06 -3.70 4.85
C GLU B 255 -1.33 -4.20 6.05
N VAL B 256 -0.70 -5.34 5.95
CA VAL B 256 0.21 -5.86 6.98
C VAL B 256 1.57 -5.94 6.38
N ILE B 257 2.58 -5.40 7.12
CA ILE B 257 3.96 -5.52 6.72
C ILE B 257 4.64 -6.45 7.70
N SER B 258 5.53 -7.30 7.21
N SER B 258 5.56 -7.25 7.21
CA SER B 258 6.17 -8.26 8.10
CA SER B 258 6.21 -8.24 8.06
C SER B 258 7.26 -7.69 8.99
C SER B 258 7.38 -7.74 8.92
N GLN B 259 7.96 -6.62 8.51
CA GLN B 259 9.14 -6.06 9.23
C GLN B 259 8.79 -5.71 10.66
N SER B 260 9.62 -6.14 11.61
CA SER B 260 9.44 -5.86 13.03
C SER B 260 10.56 -4.97 13.51
N TYR B 261 10.37 -4.32 14.72
CA TYR B 261 11.44 -3.52 15.30
C TYR B 261 12.53 -4.46 15.75
N SER B 262 13.67 -3.87 16.14
CA SER B 262 14.73 -4.65 16.75
C SER B 262 14.21 -5.32 18.04
N SER B 263 14.53 -6.59 18.34
CA SER B 263 13.96 -7.28 19.50
C SER B 263 14.30 -6.63 20.86
N THR B 264 15.30 -5.79 20.91
CA THR B 264 15.66 -5.07 22.13
C THR B 264 14.84 -3.76 22.29
N MET B 265 14.05 -3.39 21.24
CA MET B 265 13.22 -2.17 21.25
C MET B 265 11.74 -2.52 21.49
N ALA B 266 11.22 -3.55 20.81
CA ALA B 266 9.81 -3.93 20.95
C ALA B 266 9.59 -5.34 20.50
N ASN B 267 8.58 -6.02 21.00
CA ASN B 267 8.39 -7.43 20.65
C ASN B 267 7.22 -7.61 19.64
N ASN B 268 7.14 -6.74 18.64
CA ASN B 268 6.03 -6.83 17.67
C ASN B 268 6.27 -7.91 16.65
N GLU B 269 5.18 -8.24 15.93
CA GLU B 269 5.21 -9.13 14.77
C GLU B 269 4.64 -8.31 13.61
N GLY B 270 5.44 -7.42 13.07
CA GLY B 270 5.05 -6.56 11.96
C GLY B 270 4.22 -5.36 12.39
N LEU B 271 3.68 -4.69 11.39
CA LEU B 271 2.89 -3.47 11.60
C LEU B 271 1.75 -3.51 10.62
N PHE B 272 0.75 -2.72 10.91
CA PHE B 272 -0.39 -2.59 9.99
C PHE B 272 -0.56 -1.12 9.63
N SER B 273 -1.25 -0.91 8.49
CA SER B 273 -1.68 0.42 8.06
C SER B 273 -3.11 0.23 7.62
N LEU B 274 -3.98 1.12 8.00
CA LEU B 274 -5.34 1.05 7.50
C LEU B 274 -5.90 2.38 7.20
N VAL B 275 -6.81 2.37 6.24
CA VAL B 275 -7.61 3.52 5.90
C VAL B 275 -9.07 3.12 6.02
N ALA B 276 -9.85 3.86 6.80
CA ALA B 276 -11.25 3.61 7.00
C ALA B 276 -12.03 4.91 6.83
N ARG B 277 -13.35 4.83 6.65
CA ARG B 277 -14.20 6.01 6.55
C ARG B 277 -15.27 5.90 7.60
N LYS B 278 -15.57 7.06 8.23
CA LYS B 278 -16.60 7.07 9.26
C LYS B 278 -17.99 6.95 8.62
N LEU B 279 -18.87 6.13 9.19
CA LEU B 279 -20.26 6.14 8.68
C LEU B 279 -20.89 7.46 9.22
C1 A1IPO C . -11.64 -12.54 -11.52
C3 A1IPO C . -11.20 -10.81 -13.06
N6 A1IPO C . -9.72 -9.69 -15.09
C7 A1IPO C . -10.70 -9.00 -14.51
C8 A1IPO C . -10.85 -7.61 -15.01
C9 A1IPO C . -11.49 -9.52 -13.50
C10 A1IPO C . -12.59 -8.73 -12.88
O2 A1IPO C . -11.99 -11.27 -12.02
C4 A1IPO C . -10.23 -11.58 -13.65
C5 A1IPO C . -9.54 -10.99 -14.70
N SAH D . -3.09 -9.13 -16.64
CA SAH D . -4.25 -8.49 -17.33
CB SAH D . -5.21 -9.56 -17.87
CG SAH D . -5.93 -10.42 -16.84
SD SAH D . -7.34 -11.32 -17.57
C SAH D . -4.95 -7.50 -16.39
O SAH D . -4.32 -7.14 -15.35
OXT SAH D . -6.10 -7.09 -16.71
C5' SAH D . -6.82 -13.06 -17.34
C4' SAH D . -5.70 -13.46 -18.27
O4' SAH D . -5.34 -14.81 -17.86
C3' SAH D . -6.10 -13.56 -19.76
O3' SAH D . -5.25 -12.76 -20.54
C2' SAH D . -6.03 -15.06 -20.05
O2' SAH D . -5.67 -15.38 -21.38
C1' SAH D . -4.96 -15.49 -19.04
N9 SAH D . -4.92 -16.92 -18.78
C8 SAH D . -5.96 -17.78 -18.58
N7 SAH D . -5.59 -19.02 -18.33
C5 SAH D . -4.21 -18.96 -18.36
C6 SAH D . -3.22 -19.92 -18.14
N6 SAH D . -3.49 -21.20 -17.85
N1 SAH D . -1.93 -19.51 -18.17
C2 SAH D . -1.66 -18.24 -18.48
N3 SAH D . -2.52 -17.24 -18.72
C4 SAH D . -3.79 -17.67 -18.64
C1 A1IPO E . 4.12 -0.36 20.41
C3 A1IPO E . 5.59 1.37 19.75
N6 A1IPO E . 6.23 4.02 19.33
C7 A1IPO E . 7.08 3.05 18.95
C8 A1IPO E . 8.29 3.54 18.25
C9 A1IPO E . 6.80 1.72 19.16
C10 A1IPO E . 7.81 0.66 18.75
O2 A1IPO E . 5.37 0.02 19.88
C4 A1IPO E . 4.71 2.34 20.19
C5 A1IPO E . 5.07 3.65 19.95
N SAH F . 2.95 9.40 16.69
CA SAH F . 4.39 9.31 17.12
CB SAH F . 4.49 9.00 18.60
CG SAH F . 3.97 7.63 19.05
SD SAH F . 4.58 7.18 20.73
C SAH F . 5.12 8.28 16.24
O SAH F . 4.57 7.93 15.16
OXT SAH F . 6.26 7.91 16.63
C5' SAH F . 3.03 7.08 21.66
C4' SAH F . 2.40 8.43 21.89
O4' SAH F . 1.13 8.15 22.50
C3' SAH F . 3.18 9.31 22.87
O3' SAH F . 3.47 10.58 22.28
C2' SAH F . 2.23 9.40 24.07
O2' SAH F . 2.34 10.62 24.82
C1' SAH F . 0.90 9.22 23.40
N9 SAH F . -0.20 8.86 24.30
C8 SAH F . -0.17 7.91 25.29
N7 SAH F . -1.32 7.77 25.92
C5 SAH F . -2.14 8.69 25.29
C6 SAH F . -3.50 9.05 25.49
N6 SAH F . -4.30 8.50 26.45
N1 SAH F . -4.03 9.97 24.66
C2 SAH F . -3.24 10.56 23.75
N3 SAH F . -1.95 10.34 23.51
C4 SAH F . -1.47 9.38 24.29
#